data_3K42
#
_entry.id   3K42
#
_cell.length_a   102.582
_cell.length_b   102.582
_cell.length_c   100.145
_cell.angle_alpha   90.000
_cell.angle_beta   90.000
_cell.angle_gamma   90.000
#
_symmetry.space_group_name_H-M   'I 4'
#
loop_
_entity.id
_entity.type
_entity.pdbx_description
1 polymer 'Cation-dependent mannose-6-phosphate receptor'
2 non-polymer 2-acetamido-2-deoxy-beta-D-glucopyranose
3 non-polymer SN-GLYCEROL-1-PHOSPHATE
4 non-polymer 'SULFATE ION'
5 water water
#
_entity_poly.entity_id   1
_entity_poly.type   'polypeptide(L)'
_entity_poly.pdbx_seq_one_letter_code
;TEEKTCDLVGEKGKESEKQLALLKRLTPLFQKSFESTVGQSPDMYSYVFRVCREAGQHSSGAGLVQIQKSNGKETVVGRF
NETQIFQGSNWIMLIYKGGDEYDNHCGREQRRAVVMISCNRHTLADNFNPVSEERGMVQDCFYLFEMDSSLACS
;
_entity_poly.pdbx_strand_id   A,B
#
# COMPACT_ATOMS: atom_id res chain seq x y z
N GLU A 3 23.16 -15.38 5.09
CA GLU A 3 23.53 -14.13 4.34
C GLU A 3 22.38 -13.75 3.40
N LYS A 4 21.24 -14.41 3.58
CA LYS A 4 20.07 -14.12 2.76
C LYS A 4 19.45 -12.78 3.13
N THR A 5 19.28 -11.92 2.15
CA THR A 5 18.68 -10.60 2.34
C THR A 5 17.40 -10.53 1.51
N CYS A 6 16.83 -9.33 1.40
CA CYS A 6 15.61 -9.15 0.62
C CYS A 6 15.82 -9.44 -0.86
N ASP A 7 14.86 -10.14 -1.46
CA ASP A 7 14.91 -10.48 -2.89
C ASP A 7 13.82 -9.72 -3.60
N LEU A 8 14.21 -8.76 -4.43
CA LEU A 8 13.22 -7.96 -5.15
C LEU A 8 12.42 -8.77 -6.15
N VAL A 9 11.09 -8.59 -6.09
CA VAL A 9 10.18 -9.28 -6.99
C VAL A 9 10.43 -8.86 -8.43
N GLY A 10 10.17 -9.77 -9.36
CA GLY A 10 10.39 -9.48 -10.76
C GLY A 10 11.52 -10.34 -11.31
N GLU A 15 16.19 -5.78 -12.27
CA GLU A 15 15.49 -5.37 -11.07
C GLU A 15 16.01 -4.04 -10.51
N SER A 16 15.51 -2.94 -11.05
CA SER A 16 15.01 -1.80 -10.27
C SER A 16 16.08 -1.38 -9.27
N GLU A 17 17.01 -0.56 -9.74
CA GLU A 17 18.08 -0.09 -8.89
C GLU A 17 17.54 0.87 -7.84
N LYS A 18 16.35 1.40 -8.09
CA LYS A 18 15.69 2.30 -7.16
C LYS A 18 15.26 1.53 -5.91
N GLN A 19 14.70 0.34 -6.12
CA GLN A 19 14.28 -0.50 -5.01
C GLN A 19 15.48 -1.09 -4.28
N LEU A 20 16.58 -1.29 -5.00
CA LEU A 20 17.80 -1.83 -4.39
C LEU A 20 18.42 -0.76 -3.50
N ALA A 21 18.29 0.50 -3.91
CA ALA A 21 18.82 1.61 -3.15
C ALA A 21 18.00 1.75 -1.87
N LEU A 22 16.68 1.65 -2.00
CA LEU A 22 15.80 1.75 -0.84
C LEU A 22 16.15 0.67 0.18
N LEU A 23 16.48 -0.52 -0.32
CA LEU A 23 16.86 -1.63 0.55
C LEU A 23 18.13 -1.28 1.37
N LYS A 24 19.10 -0.64 0.72
CA LYS A 24 20.33 -0.25 1.39
C LYS A 24 19.99 0.82 2.43
N ARG A 25 19.11 1.74 2.06
CA ARG A 25 18.70 2.81 2.96
C ARG A 25 18.04 2.24 4.22
N LEU A 26 17.48 1.04 4.11
CA LEU A 26 16.81 0.40 5.24
C LEU A 26 17.68 -0.57 6.05
N THR A 27 18.93 -0.75 5.63
CA THR A 27 19.83 -1.67 6.33
C THR A 27 19.92 -1.48 7.84
N PRO A 28 19.86 -0.23 8.34
CA PRO A 28 19.95 -0.03 9.80
C PRO A 28 18.86 -0.78 10.58
N LEU A 29 17.79 -1.15 9.91
CA LEU A 29 16.71 -1.88 10.57
C LEU A 29 16.87 -3.40 10.52
N PHE A 30 17.72 -3.89 9.62
CA PHE A 30 17.91 -5.33 9.47
C PHE A 30 18.17 -6.06 10.77
N GLN A 31 18.90 -5.42 11.67
CA GLN A 31 19.25 -6.03 12.94
C GLN A 31 18.18 -5.89 14.01
N LYS A 32 17.22 -5.00 13.80
CA LYS A 32 16.19 -4.78 14.80
C LYS A 32 15.06 -5.78 14.73
N SER A 33 14.32 -5.89 15.83
CA SER A 33 13.20 -6.82 15.87
C SER A 33 11.92 -6.05 16.20
N PHE A 34 10.86 -6.32 15.44
CA PHE A 34 9.60 -5.63 15.67
C PHE A 34 8.53 -6.63 16.06
N GLU A 35 7.72 -6.25 17.03
CA GLU A 35 6.69 -7.14 17.52
C GLU A 35 5.50 -6.35 18.06
N SER A 36 4.33 -6.94 17.96
CA SER A 36 3.12 -6.32 18.46
C SER A 36 2.09 -7.42 18.69
N THR A 37 1.47 -7.41 19.86
CA THR A 37 0.48 -8.42 20.21
C THR A 37 -0.93 -7.88 20.20
N VAL A 38 -1.85 -8.64 19.62
CA VAL A 38 -3.25 -8.24 19.54
C VAL A 38 -4.15 -9.38 19.97
N GLY A 39 -5.37 -9.06 20.36
CA GLY A 39 -6.31 -10.07 20.78
C GLY A 39 -6.32 -10.30 22.29
N GLN A 40 -7.38 -10.96 22.75
CA GLN A 40 -7.54 -11.27 24.17
C GLN A 40 -7.52 -12.76 24.41
N SER A 41 -6.99 -13.16 25.56
CA SER A 41 -6.91 -14.57 25.93
C SER A 41 -8.23 -15.30 25.67
N PRO A 42 -8.15 -16.53 25.17
CA PRO A 42 -6.89 -17.21 24.84
C PRO A 42 -6.53 -17.12 23.36
N ASP A 43 -7.13 -16.14 22.67
CA ASP A 43 -6.90 -15.96 21.23
C ASP A 43 -6.00 -14.79 20.85
N MET A 44 -4.97 -14.54 21.66
CA MET A 44 -4.06 -13.45 21.35
C MET A 44 -3.06 -13.89 20.29
N TYR A 45 -2.68 -12.97 19.43
CA TYR A 45 -1.70 -13.25 18.39
C TYR A 45 -0.55 -12.28 18.54
N SER A 46 0.64 -12.73 18.16
CA SER A 46 1.82 -11.89 18.22
C SER A 46 2.39 -11.79 16.82
N TYR A 47 2.53 -10.57 16.32
CA TYR A 47 3.08 -10.37 15.01
C TYR A 47 4.54 -9.95 15.12
N VAL A 48 5.40 -10.71 14.47
CA VAL A 48 6.83 -10.44 14.48
C VAL A 48 7.24 -10.08 13.06
N PHE A 49 7.91 -8.93 12.94
CA PHE A 49 8.34 -8.42 11.65
C PHE A 49 9.83 -8.11 11.67
N ARG A 50 10.51 -8.46 10.58
CA ARG A 50 11.91 -8.16 10.43
C ARG A 50 12.21 -7.73 9.01
N VAL A 51 13.13 -6.79 8.87
CA VAL A 51 13.49 -6.25 7.56
C VAL A 51 14.66 -7.02 6.94
N CYS A 52 14.34 -7.81 5.93
CA CYS A 52 15.34 -8.62 5.20
C CYS A 52 16.08 -9.63 6.08
N ARG A 53 15.40 -10.14 7.10
CA ARG A 53 15.95 -11.15 8.01
C ARG A 53 14.76 -12.01 8.42
N GLU A 54 14.99 -13.19 8.99
CA GLU A 54 13.87 -14.06 9.39
C GLU A 54 13.17 -13.60 10.65
N ALA A 55 11.85 -13.63 10.62
CA ALA A 55 11.03 -13.17 11.73
C ALA A 55 10.73 -14.11 12.89
N GLY A 56 10.23 -15.30 12.61
CA GLY A 56 9.89 -16.22 13.69
C GLY A 56 11.01 -17.09 14.24
N GLN A 57 10.64 -18.29 14.68
CA GLN A 57 11.60 -19.24 15.22
C GLN A 57 11.59 -20.53 14.42
N HIS A 58 10.51 -20.76 13.66
CA HIS A 58 10.36 -21.98 12.89
C HIS A 58 9.84 -21.71 11.47
N SER A 59 10.21 -20.56 10.90
CA SER A 59 9.72 -20.22 9.58
C SER A 59 10.82 -19.67 8.66
N SER A 60 11.53 -20.59 8.00
CA SER A 60 12.61 -20.23 7.09
C SER A 60 12.18 -19.21 6.04
N GLY A 61 12.98 -18.15 5.90
CA GLY A 61 12.69 -17.11 4.92
C GLY A 61 11.48 -16.23 5.19
N ALA A 62 10.86 -16.38 6.36
CA ALA A 62 9.70 -15.57 6.70
C ALA A 62 10.14 -14.19 7.15
N GLY A 63 9.52 -13.16 6.57
CA GLY A 63 9.87 -11.80 6.92
C GLY A 63 8.93 -11.27 7.99
N LEU A 64 7.73 -11.85 8.04
CA LEU A 64 6.74 -11.44 9.03
C LEU A 64 5.87 -12.66 9.36
N VAL A 65 5.78 -12.97 10.65
CA VAL A 65 5.01 -14.13 11.07
C VAL A 65 3.98 -13.81 12.14
N GLN A 66 2.87 -14.55 12.10
CA GLN A 66 1.80 -14.42 13.07
C GLN A 66 1.98 -15.60 14.03
N ILE A 67 2.16 -15.31 15.32
CA ILE A 67 2.36 -16.36 16.30
C ILE A 67 1.20 -16.51 17.27
N GLN A 68 0.65 -17.72 17.34
CA GLN A 68 -0.46 -18.02 18.26
C GLN A 68 0.19 -18.07 19.64
N LYS A 69 -0.14 -17.12 20.50
CA LYS A 69 0.47 -17.04 21.82
C LYS A 69 0.15 -18.24 22.72
N SER A 70 -0.94 -18.93 22.43
CA SER A 70 -1.33 -20.08 23.24
C SER A 70 -0.34 -21.24 23.13
N ASN A 71 0.11 -21.53 21.90
CA ASN A 71 1.02 -22.64 21.69
C ASN A 71 2.21 -22.33 20.81
N GLY A 72 2.38 -21.06 20.43
CA GLY A 72 3.50 -20.68 19.60
C GLY A 72 3.42 -21.03 18.13
N LYS A 73 2.29 -21.61 17.68
CA LYS A 73 2.15 -21.98 16.28
C LYS A 73 2.38 -20.77 15.37
N GLU A 74 3.28 -20.92 14.41
CA GLU A 74 3.60 -19.83 13.50
C GLU A 74 2.95 -19.94 12.12
N THR A 75 2.37 -18.83 11.68
CA THR A 75 1.73 -18.74 10.37
C THR A 75 2.50 -17.65 9.62
N VAL A 76 3.11 -18.02 8.50
CA VAL A 76 3.88 -17.08 7.71
C VAL A 76 2.98 -16.13 6.93
N VAL A 77 3.17 -14.84 7.15
CA VAL A 77 2.37 -13.82 6.46
C VAL A 77 3.09 -13.32 5.21
N GLY A 78 4.41 -13.26 5.25
CA GLY A 78 5.18 -12.81 4.10
C GLY A 78 6.63 -13.25 4.16
N ARG A 79 7.25 -13.47 3.00
CA ARG A 79 8.65 -13.89 2.93
C ARG A 79 9.51 -12.80 2.32
N PHE A 80 10.69 -12.55 2.90
CA PHE A 80 11.54 -11.49 2.37
C PHE A 80 12.27 -11.85 1.07
N ASN A 81 11.95 -12.99 0.48
CA ASN A 81 12.59 -13.36 -0.77
C ASN A 81 11.65 -12.99 -1.92
N GLU A 82 10.53 -12.36 -1.56
CA GLU A 82 9.54 -11.86 -2.52
C GLU A 82 9.16 -10.49 -1.95
N THR A 83 10.14 -9.59 -2.00
CA THR A 83 10.02 -8.23 -1.49
C THR A 83 9.78 -7.19 -2.56
N GLN A 84 9.03 -6.15 -2.17
CA GLN A 84 8.73 -5.02 -3.02
C GLN A 84 8.81 -3.82 -2.10
N ILE A 85 9.30 -2.70 -2.63
CA ILE A 85 9.43 -1.52 -1.79
C ILE A 85 9.25 -0.25 -2.60
N PHE A 86 8.47 0.68 -2.03
CA PHE A 86 8.20 1.95 -2.69
C PHE A 86 8.33 3.09 -1.70
N GLN A 87 8.77 4.24 -2.20
CA GLN A 87 8.93 5.40 -1.36
C GLN A 87 8.05 6.56 -1.82
N GLY A 88 7.28 7.10 -0.89
CA GLY A 88 6.44 8.24 -1.22
C GLY A 88 7.10 9.39 -0.50
N SER A 89 6.42 10.51 -0.50
CA SER A 89 6.95 11.63 0.29
C SER A 89 6.45 11.53 1.75
N ASN A 90 7.39 11.04 2.54
CA ASN A 90 7.29 10.82 4.01
C ASN A 90 6.46 9.53 4.34
N TRP A 91 6.99 8.46 3.75
CA TRP A 91 6.51 7.06 3.91
C TRP A 91 7.08 6.17 2.81
N ILE A 92 7.41 4.97 3.37
CA ILE A 92 8.01 3.91 2.58
C ILE A 92 7.11 2.70 2.74
N MET A 93 6.73 2.08 1.64
CA MET A 93 5.86 0.92 1.72
C MET A 93 6.69 -0.33 1.46
N LEU A 94 6.60 -1.29 2.38
CA LEU A 94 7.32 -2.55 2.24
C LEU A 94 6.28 -3.66 2.08
N ILE A 95 6.48 -4.49 1.05
CA ILE A 95 5.57 -5.58 0.79
C ILE A 95 6.33 -6.92 0.75
N TYR A 96 5.76 -7.90 1.43
CA TYR A 96 6.32 -9.26 1.48
C TYR A 96 5.22 -10.17 0.99
N LYS A 97 5.51 -10.96 -0.03
CA LYS A 97 4.51 -11.88 -0.56
C LYS A 97 4.91 -13.32 -0.28
N GLY A 98 4.14 -14.26 -0.83
CA GLY A 98 4.42 -15.67 -0.66
C GLY A 98 4.24 -16.28 0.72
N GLY A 99 3.28 -15.80 1.50
CA GLY A 99 3.05 -16.36 2.82
C GLY A 99 2.19 -17.61 2.76
N ASP A 100 1.87 -18.20 3.92
CA ASP A 100 1.04 -19.40 3.93
C ASP A 100 -0.33 -19.06 3.40
N GLU A 101 -0.85 -19.88 2.50
CA GLU A 101 -2.16 -19.60 1.96
C GLU A 101 -3.27 -19.86 2.97
N TYR A 102 -4.34 -19.08 2.86
CA TYR A 102 -5.48 -19.20 3.76
C TYR A 102 -6.08 -20.60 3.60
N ASP A 103 -6.70 -21.10 4.66
CA ASP A 103 -7.32 -22.41 4.61
C ASP A 103 -8.76 -22.31 4.14
N ASN A 104 -9.48 -21.31 4.64
CA ASN A 104 -10.88 -21.12 4.28
C ASN A 104 -11.26 -19.68 3.98
N HIS A 105 -10.28 -18.89 3.56
CA HIS A 105 -10.55 -17.49 3.26
C HIS A 105 -9.75 -17.01 2.05
N CYS A 106 -10.18 -15.88 1.48
CA CYS A 106 -9.50 -15.27 0.36
C CYS A 106 -9.11 -16.24 -0.75
N GLY A 107 -9.96 -17.23 -1.01
CA GLY A 107 -9.68 -18.18 -2.05
C GLY A 107 -8.40 -18.98 -1.85
N ARG A 108 -8.13 -19.35 -0.60
CA ARG A 108 -6.93 -20.12 -0.26
C ARG A 108 -5.66 -19.33 -0.57
N GLU A 109 -5.84 -18.05 -0.75
CA GLU A 109 -4.86 -17.17 -1.39
C GLU A 109 -3.67 -17.02 -0.42
N GLN A 110 -2.43 -17.07 -1.06
CA GLN A 110 -1.14 -16.93 -0.31
C GLN A 110 -1.18 -15.61 0.42
N ARG A 111 -0.86 -15.61 1.68
CA ARG A 111 -0.87 -14.37 2.46
C ARG A 111 0.18 -13.38 1.97
N ARG A 112 -0.03 -12.10 2.27
CA ARG A 112 0.90 -11.04 1.89
C ARG A 112 0.98 -10.08 3.06
N ALA A 113 2.14 -9.43 3.21
CA ALA A 113 2.32 -8.46 4.28
C ALA A 113 2.64 -7.08 3.70
N VAL A 114 1.84 -6.10 4.08
CA VAL A 114 2.06 -4.72 3.63
C VAL A 114 2.39 -3.92 4.89
N VAL A 115 3.56 -3.27 4.88
CA VAL A 115 3.96 -2.50 6.03
C VAL A 115 4.23 -1.04 5.66
N MET A 116 3.46 -0.14 6.25
CA MET A 116 3.61 1.29 5.98
C MET A 116 4.56 1.92 6.98
N ILE A 117 5.76 2.25 6.51
CA ILE A 117 6.77 2.88 7.36
C ILE A 117 6.63 4.39 7.18
N SER A 118 6.11 5.05 8.22
CA SER A 118 5.91 6.50 8.20
C SER A 118 7.11 7.28 8.71
N CYS A 119 7.32 8.44 8.10
CA CYS A 119 8.39 9.30 8.54
C CYS A 119 8.10 9.74 9.96
N ASN A 120 9.10 9.63 10.82
CA ASN A 120 9.02 10.08 12.22
C ASN A 120 10.45 10.51 12.48
N ARG A 121 10.68 11.82 12.47
CA ARG A 121 12.02 12.37 12.66
C ARG A 121 12.59 12.20 14.06
N HIS A 122 11.83 11.57 14.94
CA HIS A 122 12.29 11.38 16.30
C HIS A 122 12.60 9.95 16.73
N THR A 123 12.69 9.06 15.75
CA THR A 123 13.03 7.67 16.02
C THR A 123 13.47 6.96 14.75
N LEU A 124 14.54 6.18 14.87
CA LEU A 124 15.08 5.42 13.74
C LEU A 124 14.11 4.27 13.44
N ALA A 125 13.44 3.79 14.48
CA ALA A 125 12.48 2.69 14.33
C ALA A 125 11.69 2.46 15.61
N ASP A 126 10.36 2.38 15.47
CA ASP A 126 9.49 2.14 16.62
C ASP A 126 8.03 2.06 16.20
N ASN A 127 7.18 1.76 17.18
CA ASN A 127 5.74 1.69 17.00
C ASN A 127 5.21 0.79 15.90
N PHE A 128 5.70 -0.45 15.85
CA PHE A 128 5.20 -1.39 14.86
C PHE A 128 3.93 -2.03 15.42
N ASN A 129 2.92 -2.17 14.58
CA ASN A 129 1.67 -2.79 14.99
C ASN A 129 0.77 -3.02 13.78
N PRO A 130 -0.14 -4.01 13.88
CA PRO A 130 -1.02 -4.25 12.74
C PRO A 130 -2.12 -3.18 12.66
N VAL A 131 -2.62 -2.94 11.46
CA VAL A 131 -3.68 -1.98 11.23
C VAL A 131 -4.96 -2.79 11.02
N SER A 132 -4.86 -3.85 10.23
CA SER A 132 -6.00 -4.72 9.97
C SER A 132 -5.64 -6.08 9.37
N GLU A 133 -6.38 -7.10 9.78
CA GLU A 133 -6.19 -8.46 9.27
C GLU A 133 -7.37 -8.85 8.40
N CYS A 141 -6.78 -10.81 -0.34
CA CYS A 141 -6.73 -10.10 0.93
C CYS A 141 -5.28 -9.77 1.30
N PHE A 142 -5.08 -9.15 2.47
CA PHE A 142 -3.74 -8.82 2.91
C PHE A 142 -3.70 -8.27 4.34
N TYR A 143 -2.56 -8.46 4.99
CA TYR A 143 -2.35 -7.97 6.35
C TYR A 143 -1.63 -6.63 6.24
N LEU A 144 -2.27 -5.59 6.79
CA LEU A 144 -1.73 -4.23 6.77
C LEU A 144 -1.10 -3.88 8.11
N PHE A 145 0.17 -3.48 8.10
CA PHE A 145 0.86 -3.10 9.33
C PHE A 145 1.47 -1.72 9.14
N GLU A 146 1.95 -1.14 10.23
CA GLU A 146 2.57 0.18 10.16
C GLU A 146 3.68 0.30 11.20
N MET A 147 4.55 1.28 11.01
CA MET A 147 5.63 1.56 11.96
C MET A 147 6.19 2.93 11.63
N ASP A 148 7.04 3.46 12.52
CA ASP A 148 7.69 4.76 12.37
C ASP A 148 9.19 4.62 12.17
N SER A 149 9.75 5.50 11.34
CA SER A 149 11.18 5.50 11.07
C SER A 149 11.60 6.77 10.36
N SER A 150 12.68 7.38 10.83
CA SER A 150 13.20 8.62 10.23
C SER A 150 13.76 8.32 8.85
N LEU A 151 14.01 7.03 8.59
CA LEU A 151 14.55 6.58 7.32
C LEU A 151 13.52 6.83 6.20
N ALA A 152 12.26 6.95 6.59
CA ALA A 152 11.18 7.17 5.64
C ALA A 152 10.94 8.67 5.47
N CYS A 153 11.78 9.46 6.12
CA CYS A 153 11.69 10.92 6.03
C CYS A 153 12.60 11.36 4.91
N SER A 154 12.20 12.38 4.17
CA SER A 154 13.05 12.89 3.10
C SER A 154 12.96 14.41 3.15
N THR B 5 -21.77 7.24 -5.31
CA THR B 5 -20.65 7.32 -4.32
C THR B 5 -19.89 6.00 -4.27
N CYS B 6 -18.86 5.93 -3.43
CA CYS B 6 -18.05 4.73 -3.28
C CYS B 6 -18.86 3.55 -2.74
N ASP B 7 -18.58 2.36 -3.29
CA ASP B 7 -19.23 1.12 -2.87
C ASP B 7 -18.11 0.25 -2.31
N LEU B 8 -18.24 -0.16 -1.04
CA LEU B 8 -17.23 -1.00 -0.42
C LEU B 8 -17.19 -2.42 -0.98
N VAL B 9 -15.98 -2.95 -1.09
CA VAL B 9 -15.79 -4.30 -1.61
C VAL B 9 -16.16 -5.34 -0.55
N GLY B 10 -17.08 -6.23 -0.93
CA GLY B 10 -17.54 -7.26 -0.03
C GLY B 10 -19.05 -7.42 -0.12
N GLU B 15 -19.67 -5.28 4.46
CA GLU B 15 -20.01 -4.17 5.33
C GLU B 15 -19.10 -4.09 6.57
N SER B 16 -18.19 -3.13 6.56
CA SER B 16 -17.25 -2.86 7.66
C SER B 16 -17.34 -1.51 8.34
N GLU B 17 -18.45 -1.29 9.04
CA GLU B 17 -18.94 0.07 9.24
C GLU B 17 -17.75 0.97 9.50
N LYS B 18 -16.61 0.36 9.80
CA LYS B 18 -15.39 1.13 10.03
C LYS B 18 -14.98 1.83 8.74
N GLN B 19 -15.07 1.11 7.63
CA GLN B 19 -14.73 1.69 6.34
C GLN B 19 -15.81 2.68 5.94
N LEU B 20 -17.07 2.38 6.26
CA LEU B 20 -18.17 3.27 5.94
C LEU B 20 -17.96 4.64 6.57
N ALA B 21 -17.59 4.63 7.84
CA ALA B 21 -17.34 5.86 8.57
C ALA B 21 -16.21 6.61 7.89
N LEU B 22 -15.21 5.86 7.43
CA LEU B 22 -14.06 6.44 6.75
C LEU B 22 -14.49 7.15 5.46
N LEU B 23 -15.39 6.56 4.69
CA LEU B 23 -15.86 7.21 3.46
C LEU B 23 -16.50 8.56 3.83
N LYS B 24 -17.23 8.59 4.95
CA LYS B 24 -17.86 9.80 5.40
C LYS B 24 -16.84 10.84 5.86
N ARG B 25 -15.77 10.36 6.50
CA ARG B 25 -14.72 11.25 6.97
C ARG B 25 -14.06 11.92 5.76
N LEU B 26 -14.17 11.29 4.60
CA LEU B 26 -13.56 11.81 3.38
C LEU B 26 -14.47 12.64 2.47
N THR B 27 -15.77 12.71 2.78
CA THR B 27 -16.69 13.44 1.91
C THR B 27 -16.32 14.90 1.64
N PRO B 28 -15.53 15.55 2.53
CA PRO B 28 -15.21 16.94 2.21
C PRO B 28 -14.37 17.04 0.92
N LEU B 29 -13.85 15.90 0.48
CA LEU B 29 -13.02 15.86 -0.73
C LEU B 29 -13.79 15.42 -1.98
N PHE B 30 -15.01 14.92 -1.81
CA PHE B 30 -15.79 14.42 -2.96
C PHE B 30 -15.87 15.35 -4.16
N GLN B 31 -16.14 16.63 -3.92
CA GLN B 31 -16.28 17.58 -5.02
C GLN B 31 -14.97 18.13 -5.59
N LYS B 32 -13.85 17.81 -4.97
CA LYS B 32 -12.56 18.31 -5.45
C LYS B 32 -12.03 17.46 -6.59
N SER B 33 -11.13 18.03 -7.38
CA SER B 33 -10.55 17.26 -8.48
C SER B 33 -9.04 17.35 -8.41
N PHE B 34 -8.37 16.19 -8.46
CA PHE B 34 -6.93 16.15 -8.37
C PHE B 34 -6.31 15.67 -9.67
N GLU B 35 -5.22 16.30 -10.09
CA GLU B 35 -4.55 15.92 -11.32
C GLU B 35 -3.04 16.08 -11.19
N SER B 36 -2.30 15.21 -11.87
CA SER B 36 -0.85 15.25 -11.87
C SER B 36 -0.35 14.67 -13.16
N THR B 37 0.59 15.36 -13.80
CA THR B 37 1.18 14.90 -15.05
C THR B 37 2.65 14.54 -14.83
N VAL B 38 3.04 13.34 -15.28
CA VAL B 38 4.40 12.86 -15.13
C VAL B 38 4.97 12.37 -16.45
N GLY B 39 6.29 12.43 -16.56
CA GLY B 39 6.96 11.99 -17.78
C GLY B 39 7.22 13.15 -18.73
N GLN B 40 8.31 12.81 -19.66
CA GLN B 40 8.51 13.94 -20.62
C GLN B 40 8.07 13.51 -22.04
N SER B 41 8.04 14.61 -22.96
CA SER B 41 7.40 14.51 -24.36
C SER B 41 7.98 13.37 -25.09
N PRO B 42 7.41 13.03 -26.24
CA PRO B 42 6.63 11.84 -26.46
C PRO B 42 6.80 10.84 -25.49
N ASP B 43 5.82 10.93 -24.59
CA ASP B 43 5.71 10.11 -23.43
C ASP B 43 5.43 11.11 -22.31
N MET B 44 4.18 11.16 -21.97
CA MET B 44 3.63 12.04 -20.92
C MET B 44 2.23 11.57 -20.62
N TYR B 45 1.99 11.34 -19.38
CA TYR B 45 0.67 10.85 -18.94
C TYR B 45 0.15 11.76 -17.84
N SER B 46 -1.15 11.94 -17.87
CA SER B 46 -1.85 12.77 -16.89
C SER B 46 -2.80 11.87 -16.09
N TYR B 47 -2.67 11.95 -14.78
CA TYR B 47 -3.53 11.15 -13.90
C TYR B 47 -4.54 12.03 -13.20
N VAL B 48 -5.80 11.66 -13.35
CA VAL B 48 -6.91 12.39 -12.72
C VAL B 48 -7.56 11.46 -11.71
N PHE B 49 -7.62 11.95 -10.49
CA PHE B 49 -8.17 11.20 -9.36
C PHE B 49 -9.27 11.98 -8.66
N ARG B 50 -10.27 11.26 -8.23
CA ARG B 50 -11.42 11.84 -7.52
C ARG B 50 -11.89 10.85 -6.46
N VAL B 51 -12.42 11.39 -5.38
CA VAL B 51 -12.92 10.57 -4.28
C VAL B 51 -14.43 10.33 -4.42
N CYS B 52 -14.73 9.08 -4.74
CA CYS B 52 -16.11 8.59 -4.91
C CYS B 52 -16.89 9.40 -5.96
N ARG B 53 -16.19 9.81 -7.01
CA ARG B 53 -16.80 10.60 -8.11
C ARG B 53 -16.06 10.33 -9.43
N GLU B 54 -16.79 10.48 -10.53
CA GLU B 54 -16.25 10.25 -11.89
C GLU B 54 -14.97 11.04 -12.11
N ALA B 55 -13.94 10.33 -12.53
CA ALA B 55 -12.64 10.96 -12.76
C ALA B 55 -12.32 11.09 -14.27
N GLY B 56 -12.83 10.19 -15.07
CA GLY B 56 -12.55 10.19 -16.54
C GLY B 56 -13.65 10.93 -17.33
N GLN B 57 -13.39 11.07 -18.62
CA GLN B 57 -14.32 11.76 -19.52
C GLN B 57 -14.83 10.81 -20.62
N HIS B 58 -14.37 9.57 -20.56
CA HIS B 58 -14.77 8.54 -21.54
C HIS B 58 -15.01 7.22 -20.81
N SER B 59 -15.18 7.35 -19.51
CA SER B 59 -15.42 6.20 -18.62
C SER B 59 -16.67 6.41 -17.79
N SER B 60 -17.07 5.34 -17.15
CA SER B 60 -18.24 5.35 -16.27
C SER B 60 -17.91 4.57 -15.00
N GLY B 61 -17.87 5.29 -13.90
CA GLY B 61 -17.60 4.72 -12.58
C GLY B 61 -16.10 4.71 -12.24
N ALA B 62 -15.32 5.42 -13.03
CA ALA B 62 -13.86 5.49 -12.82
C ALA B 62 -13.54 6.45 -11.67
N GLY B 63 -12.66 6.00 -10.80
CA GLY B 63 -12.23 6.79 -9.63
C GLY B 63 -10.91 7.49 -9.93
N LEU B 64 -10.15 6.88 -10.81
CA LEU B 64 -8.83 7.41 -11.21
C LEU B 64 -8.52 6.92 -12.63
N VAL B 65 -8.17 7.85 -13.49
CA VAL B 65 -7.85 7.52 -14.89
C VAL B 65 -6.48 8.05 -15.30
N GLN B 66 -5.96 7.39 -16.29
CA GLN B 66 -4.68 7.72 -16.90
C GLN B 66 -4.95 8.23 -18.30
N ILE B 67 -4.38 9.36 -18.63
CA ILE B 67 -4.59 9.95 -19.95
C ILE B 67 -3.27 10.18 -20.69
N GLN B 68 -3.12 9.43 -21.77
CA GLN B 68 -1.93 9.56 -22.62
C GLN B 68 -2.06 10.93 -23.28
N LYS B 69 -1.15 11.80 -22.97
CA LYS B 69 -1.20 13.17 -23.48
C LYS B 69 -0.97 13.24 -25.00
N SER B 70 -0.25 12.29 -25.54
CA SER B 70 0.05 12.28 -26.99
C SER B 70 -1.22 12.13 -27.84
N ASN B 71 -2.18 11.32 -27.38
CA ASN B 71 -3.40 11.10 -28.18
C ASN B 71 -4.71 11.12 -27.35
N GLY B 72 -4.60 11.33 -26.06
CA GLY B 72 -5.78 11.44 -25.18
C GLY B 72 -6.41 10.08 -24.79
N LYS B 73 -5.73 8.99 -25.07
CA LYS B 73 -6.26 7.67 -24.69
C LYS B 73 -6.41 7.65 -23.16
N GLU B 74 -7.62 7.43 -22.72
CA GLU B 74 -7.93 7.43 -21.29
C GLU B 74 -8.16 5.99 -20.79
N THR B 75 -7.27 5.58 -19.90
CA THR B 75 -7.31 4.24 -19.29
C THR B 75 -7.80 4.33 -17.85
N VAL B 76 -8.76 3.49 -17.52
CA VAL B 76 -9.32 3.46 -16.14
C VAL B 76 -8.40 2.61 -15.26
N VAL B 77 -7.83 3.28 -14.27
CA VAL B 77 -6.89 2.64 -13.34
C VAL B 77 -7.63 1.93 -12.20
N GLY B 78 -8.75 2.49 -11.79
CA GLY B 78 -9.57 1.90 -10.69
C GLY B 78 -10.96 2.54 -10.67
N ARG B 79 -11.93 1.79 -10.17
CA ARG B 79 -13.33 2.24 -10.09
C ARG B 79 -13.77 2.40 -8.63
N PHE B 80 -14.56 3.44 -8.38
CA PHE B 80 -15.00 3.69 -7.00
C PHE B 80 -16.20 2.82 -6.60
N ASN B 81 -16.62 1.93 -7.48
CA ASN B 81 -17.73 1.00 -7.16
C ASN B 81 -17.11 -0.26 -6.50
N GLU B 82 -15.80 -0.25 -6.48
CA GLU B 82 -14.99 -1.33 -5.86
C GLU B 82 -13.92 -0.67 -4.99
N THR B 83 -14.40 -0.03 -3.92
CA THR B 83 -13.53 0.71 -3.01
C THR B 83 -13.24 -0.05 -1.69
N GLN B 84 -12.05 0.22 -1.22
CA GLN B 84 -11.49 -0.31 0.03
C GLN B 84 -10.76 0.83 0.70
N ILE B 85 -10.85 0.91 2.01
CA ILE B 85 -10.18 2.02 2.70
C ILE B 85 -9.76 1.60 4.12
N PHE B 86 -8.54 1.98 4.47
CA PHE B 86 -7.93 1.68 5.78
C PHE B 86 -7.26 2.93 6.34
N GLN B 87 -7.21 3.00 7.66
CA GLN B 87 -6.61 4.15 8.35
C GLN B 87 -5.47 3.73 9.29
N GLY B 88 -4.34 4.38 9.10
CA GLY B 88 -3.13 4.15 9.91
C GLY B 88 -3.03 5.27 10.95
N SER B 89 -1.86 5.38 11.56
CA SER B 89 -1.63 6.39 12.60
C SER B 89 -1.68 7.82 12.02
N ASN B 90 -1.08 8.01 10.86
CA ASN B 90 -1.08 9.35 10.23
C ASN B 90 -1.28 9.27 8.70
N TRP B 91 -2.02 8.26 8.28
CA TRP B 91 -2.34 8.06 6.85
C TRP B 91 -3.63 7.27 6.67
N ILE B 92 -4.15 7.37 5.47
CA ILE B 92 -5.35 6.66 5.05
C ILE B 92 -5.07 6.07 3.68
N MET B 93 -5.33 4.81 3.55
CA MET B 93 -5.11 4.12 2.28
C MET B 93 -6.44 3.91 1.58
N LEU B 94 -6.52 4.41 0.37
CA LEU B 94 -7.72 4.29 -0.47
C LEU B 94 -7.36 3.44 -1.67
N ILE B 95 -8.18 2.44 -1.93
CA ILE B 95 -7.94 1.53 -3.05
C ILE B 95 -9.18 1.43 -3.96
N TYR B 96 -8.91 1.60 -5.23
CA TYR B 96 -9.92 1.49 -6.30
C TYR B 96 -9.53 0.32 -7.19
N LYS B 97 -10.33 -0.72 -7.18
CA LYS B 97 -10.05 -1.90 -8.02
C LYS B 97 -10.96 -1.84 -9.26
N GLY B 98 -10.88 -2.89 -10.06
CA GLY B 98 -11.72 -3.04 -11.26
C GLY B 98 -11.33 -2.11 -12.44
N GLY B 99 -10.11 -1.63 -12.48
CA GLY B 99 -9.65 -0.76 -13.59
C GLY B 99 -9.49 -1.63 -14.85
N ASP B 100 -9.17 -0.98 -15.97
CA ASP B 100 -8.96 -1.70 -17.26
C ASP B 100 -7.81 -2.68 -17.12
N GLU B 101 -7.94 -3.81 -17.80
CA GLU B 101 -6.91 -4.85 -17.78
C GLU B 101 -5.71 -4.41 -18.62
N TYR B 102 -4.53 -4.73 -18.13
CA TYR B 102 -3.30 -4.42 -18.86
C TYR B 102 -3.38 -5.16 -20.20
N ASP B 103 -2.92 -4.52 -21.25
CA ASP B 103 -2.96 -5.15 -22.59
C ASP B 103 -1.84 -6.17 -22.75
N ASN B 104 -0.61 -5.78 -22.45
CA ASN B 104 0.52 -6.71 -22.58
C ASN B 104 1.52 -6.58 -21.43
N HIS B 105 0.97 -6.60 -20.24
CA HIS B 105 1.74 -6.51 -18.98
C HIS B 105 0.95 -7.11 -17.82
N CYS B 106 1.67 -7.37 -16.78
CA CYS B 106 1.13 -7.89 -15.50
C CYS B 106 -0.02 -8.92 -15.64
N GLY B 107 0.20 -9.92 -16.47
CA GLY B 107 -0.78 -11.01 -16.69
C GLY B 107 -2.17 -10.49 -17.13
N ARG B 108 -2.18 -9.35 -17.76
CA ARG B 108 -3.41 -8.74 -18.28
C ARG B 108 -4.53 -8.72 -17.22
N GLU B 109 -4.13 -8.50 -15.99
CA GLU B 109 -5.08 -8.43 -14.88
C GLU B 109 -5.65 -7.01 -14.82
N GLN B 110 -6.76 -6.87 -14.13
CA GLN B 110 -7.43 -5.57 -13.99
C GLN B 110 -6.54 -4.60 -13.22
N ARG B 111 -6.44 -3.39 -13.73
CA ARG B 111 -5.63 -2.36 -13.07
C ARG B 111 -6.25 -2.05 -11.71
N ARG B 112 -5.43 -1.51 -10.85
CA ARG B 112 -5.81 -1.17 -9.48
C ARG B 112 -5.10 0.12 -9.08
N ALA B 113 -5.83 0.95 -8.36
CA ALA B 113 -5.28 2.24 -7.91
C ALA B 113 -5.19 2.27 -6.38
N VAL B 114 -4.02 2.64 -5.92
CA VAL B 114 -3.76 2.76 -4.48
C VAL B 114 -3.28 4.18 -4.20
N VAL B 115 -4.03 4.86 -3.37
CA VAL B 115 -3.72 6.23 -3.01
C VAL B 115 -3.45 6.36 -1.52
N MET B 116 -2.23 6.77 -1.22
CA MET B 116 -1.78 6.97 0.15
C MET B 116 -1.97 8.43 0.54
N ILE B 117 -2.95 8.65 1.38
CA ILE B 117 -3.27 9.99 1.88
C ILE B 117 -2.57 10.19 3.21
N SER B 118 -1.57 11.04 3.19
CA SER B 118 -0.77 11.34 4.39
C SER B 118 -1.31 12.52 5.16
N CYS B 119 -1.24 12.39 6.46
CA CYS B 119 -1.68 13.44 7.36
C CYS B 119 -0.82 14.68 7.13
N ASN B 120 -1.50 15.78 6.93
CA ASN B 120 -0.88 17.11 6.75
C ASN B 120 -1.80 18.07 7.45
N ARG B 121 -1.36 18.52 8.60
CA ARG B 121 -2.19 19.39 9.44
C ARG B 121 -2.33 20.83 8.93
N HIS B 122 -1.87 21.09 7.71
CA HIS B 122 -1.95 22.48 7.17
C HIS B 122 -2.66 22.58 5.80
N THR B 123 -3.37 21.53 5.43
CA THR B 123 -4.14 21.51 4.17
C THR B 123 -5.24 20.46 4.26
N LEU B 124 -6.38 20.83 3.74
CA LEU B 124 -7.55 19.95 3.73
C LEU B 124 -7.35 18.89 2.61
N ALA B 125 -6.55 19.28 1.62
CA ALA B 125 -6.24 18.40 0.47
C ALA B 125 -5.26 19.11 -0.48
N ASP B 126 -4.17 18.42 -0.79
CA ASP B 126 -3.13 18.99 -1.67
C ASP B 126 -2.03 17.97 -2.03
N ASN B 127 -1.24 18.39 -3.00
CA ASN B 127 -0.06 17.65 -3.52
C ASN B 127 -0.32 16.19 -3.93
N PHE B 128 -1.20 16.02 -4.90
CA PHE B 128 -1.50 14.68 -5.41
C PHE B 128 -0.54 14.40 -6.59
N ASN B 129 0.02 13.21 -6.59
CA ASN B 129 0.93 12.80 -7.66
C ASN B 129 1.26 11.31 -7.54
N PRO B 130 1.56 10.64 -8.67
CA PRO B 130 1.92 9.24 -8.66
C PRO B 130 3.23 9.06 -7.97
N VAL B 131 3.46 7.91 -7.40
CA VAL B 131 4.75 7.63 -6.75
C VAL B 131 5.62 6.84 -7.73
N SER B 132 6.05 7.56 -8.75
CA SER B 132 6.56 7.01 -10.01
C SER B 132 7.15 8.17 -10.79
N GLU B 133 7.53 7.91 -12.05
CA GLU B 133 6.84 8.42 -13.27
C GLU B 133 6.03 7.17 -13.98
N GLU B 134 5.45 7.31 -15.38
CA GLU B 134 4.94 6.22 -16.21
C GLU B 134 6.08 5.60 -17.00
N ARG B 135 6.92 5.03 -16.34
CA ARG B 135 7.84 4.15 -17.01
C ARG B 135 8.42 3.32 -15.91
N GLY B 136 7.66 3.33 -14.80
CA GLY B 136 8.01 2.57 -13.59
C GLY B 136 6.78 1.92 -12.98
N MET B 137 5.64 2.59 -12.98
CA MET B 137 4.45 2.01 -12.38
C MET B 137 4.02 0.73 -13.07
N VAL B 138 4.05 0.73 -14.40
CA VAL B 138 3.67 -0.47 -15.16
C VAL B 138 4.66 -1.58 -14.89
N GLN B 139 5.94 -1.23 -14.82
CA GLN B 139 6.99 -2.21 -14.54
C GLN B 139 6.73 -2.91 -13.21
N ASP B 140 6.35 -2.13 -12.20
CA ASP B 140 6.08 -2.67 -10.88
C ASP B 140 4.67 -3.28 -10.79
N CYS B 141 3.88 -3.09 -11.84
CA CYS B 141 2.52 -3.61 -11.87
C CYS B 141 1.76 -3.10 -10.66
N PHE B 142 1.97 -1.82 -10.35
CA PHE B 142 1.33 -1.22 -9.22
C PHE B 142 1.16 0.28 -9.39
N TYR B 143 -0.08 0.73 -9.44
CA TYR B 143 -0.34 2.16 -9.56
C TYR B 143 -0.49 2.72 -8.15
N LEU B 144 0.61 3.29 -7.67
CA LEU B 144 0.69 3.85 -6.34
C LEU B 144 0.71 5.37 -6.44
N PHE B 145 -0.20 6.02 -5.72
CA PHE B 145 -0.29 7.46 -5.72
C PHE B 145 -0.27 7.97 -4.27
N GLU B 146 -0.04 9.27 -4.10
CA GLU B 146 0.00 9.89 -2.78
C GLU B 146 -0.58 11.30 -2.80
N MET B 147 -1.03 11.78 -1.65
CA MET B 147 -1.57 13.13 -1.50
C MET B 147 -1.61 13.48 -0.03
N ASP B 148 -1.81 14.75 0.27
CA ASP B 148 -1.86 15.23 1.65
C ASP B 148 -3.25 15.70 2.03
N SER B 149 -3.60 15.49 3.30
CA SER B 149 -4.88 15.90 3.82
C SER B 149 -4.93 15.81 5.33
N SER B 150 -5.49 16.84 5.96
CA SER B 150 -5.61 16.87 7.40
C SER B 150 -6.63 15.81 7.83
N LEU B 151 -7.42 15.32 6.88
CA LEU B 151 -8.43 14.31 7.15
C LEU B 151 -7.73 12.99 7.50
N ALA B 152 -6.48 12.85 7.07
CA ALA B 152 -5.73 11.63 7.32
C ALA B 152 -4.98 11.71 8.64
N CYS B 153 -5.17 12.81 9.37
CA CYS B 153 -4.53 12.98 10.68
C CYS B 153 -5.42 12.44 11.78
N SER B 154 -4.83 12.05 12.91
CA SER B 154 -5.60 11.55 14.03
C SER B 154 -4.86 11.85 15.34
#